data_1Z33
#
_entry.id   1Z33
#
_cell.length_a   136.800
_cell.length_b   136.800
_cell.length_c   136.800
_cell.angle_alpha   90.00
_cell.angle_beta   90.00
_cell.angle_gamma   90.00
#
_symmetry.space_group_name_H-M   'P 41 3 2'
#
loop_
_entity.id
_entity.type
_entity.pdbx_description
1 polymer 'purine nucleoside phosphorylase'
2 water water
#
_entity_poly.entity_id   1
_entity_poly.type   'polypeptide(L)'
_entity_poly.pdbx_seq_one_letter_code
;ATPHNSAQVGDFAETVLMCGDPLRAKLIAETYLENPKLVNNVRGIQGYTGTYKGKPISVMGHGMGLPSICIYAEELYSTY
KVKTIIRVGTCGAIDMDIHTRDIVIFTSAGTNSKINRIRFMDHDYPATASFDVVCALVDAAKELNIPAKVGKGFSTDLFY
NPQTELAQLMNKFHFLAVEMESAGLFPIADLYGARAGCICTVSDHILHHEETTAEERQNSFQNMMKIALEAAIKL
;
_entity_poly.pdbx_strand_id   A
#
# COMPACT_ATOMS: atom_id res chain seq x y z
N ALA A 1 -21.05 -10.76 -3.32
CA ALA A 1 -20.29 -12.03 -3.40
C ALA A 1 -19.66 -12.42 -2.06
N THR A 2 -19.27 -11.42 -1.27
CA THR A 2 -18.67 -11.68 0.04
C THR A 2 -19.33 -10.80 1.11
N PRO A 3 -18.98 -11.03 2.39
CA PRO A 3 -19.54 -10.24 3.49
C PRO A 3 -19.17 -8.76 3.43
N HIS A 4 -18.04 -8.46 2.79
CA HIS A 4 -17.56 -7.08 2.71
C HIS A 4 -17.47 -6.53 1.29
N ASN A 5 -18.01 -7.29 0.34
CA ASN A 5 -17.99 -6.89 -1.07
C ASN A 5 -19.26 -7.36 -1.78
N SER A 6 -19.94 -6.44 -2.46
CA SER A 6 -21.17 -6.76 -3.18
C SER A 6 -20.90 -7.12 -4.65
N ALA A 7 -19.74 -6.72 -5.14
CA ALA A 7 -19.37 -6.99 -6.52
C ALA A 7 -19.27 -8.48 -6.80
N GLN A 8 -19.29 -8.84 -8.08
CA GLN A 8 -19.20 -10.23 -8.47
C GLN A 8 -17.89 -10.48 -9.20
N VAL A 9 -17.50 -11.75 -9.26
CA VAL A 9 -16.27 -12.14 -9.93
C VAL A 9 -16.27 -11.54 -11.33
N GLY A 10 -15.27 -10.72 -11.62
CA GLY A 10 -15.17 -10.08 -12.92
C GLY A 10 -15.29 -8.58 -12.83
N ASP A 11 -15.93 -8.10 -11.77
CA ASP A 11 -16.10 -6.66 -11.58
C ASP A 11 -14.79 -5.96 -11.27
N PHE A 12 -13.87 -6.69 -10.64
CA PHE A 12 -12.56 -6.15 -10.31
C PHE A 12 -11.50 -6.52 -11.32
N ALA A 13 -10.61 -5.57 -11.59
CA ALA A 13 -9.50 -5.77 -12.51
C ALA A 13 -8.55 -6.74 -11.80
N GLU A 14 -7.61 -7.33 -12.53
CA GLU A 14 -6.69 -8.26 -11.90
C GLU A 14 -5.60 -7.54 -11.12
N THR A 15 -5.55 -6.22 -11.27
CA THR A 15 -4.58 -5.38 -10.57
C THR A 15 -5.38 -4.34 -9.82
N VAL A 16 -5.23 -4.30 -8.49
CA VAL A 16 -5.98 -3.37 -7.67
C VAL A 16 -5.11 -2.45 -6.80
N LEU A 17 -5.32 -1.14 -6.91
CA LEU A 17 -4.58 -0.18 -6.10
C LEU A 17 -5.40 0.07 -4.84
N MET A 18 -4.77 -0.06 -3.67
CA MET A 18 -5.50 0.14 -2.43
C MET A 18 -4.86 1.14 -1.47
N CYS A 19 -5.68 2.04 -0.92
CA CYS A 19 -5.22 3.01 0.05
C CYS A 19 -6.16 2.96 1.25
N GLY A 20 -5.77 3.59 2.34
CA GLY A 20 -6.62 3.55 3.53
C GLY A 20 -7.87 4.38 3.40
N ASP A 21 -7.70 5.62 2.93
CA ASP A 21 -8.80 6.55 2.77
C ASP A 21 -9.70 6.26 1.57
N PRO A 22 -10.97 5.91 1.82
CA PRO A 22 -11.96 5.60 0.77
C PRO A 22 -12.25 6.84 -0.07
N LEU A 23 -12.11 8.01 0.53
CA LEU A 23 -12.35 9.25 -0.18
C LEU A 23 -11.18 9.48 -1.13
N ARG A 24 -10.00 9.09 -0.67
CA ARG A 24 -8.78 9.20 -1.47
C ARG A 24 -8.95 8.27 -2.67
N ALA A 25 -9.46 7.07 -2.42
CA ALA A 25 -9.68 6.09 -3.47
C ALA A 25 -10.69 6.60 -4.49
N LYS A 26 -11.70 7.34 -4.02
CA LYS A 26 -12.72 7.91 -4.90
C LYS A 26 -12.05 8.98 -5.75
N LEU A 27 -11.22 9.79 -5.11
CA LEU A 27 -10.49 10.87 -5.77
C LEU A 27 -9.61 10.29 -6.88
N ILE A 28 -8.84 9.26 -6.52
CA ILE A 28 -7.95 8.58 -7.45
C ILE A 28 -8.72 8.10 -8.67
N ALA A 29 -9.84 7.43 -8.42
CA ALA A 29 -10.67 6.89 -9.50
C ALA A 29 -11.15 7.99 -10.45
N GLU A 30 -11.60 9.10 -9.90
CA GLU A 30 -12.11 10.21 -10.69
C GLU A 30 -11.01 11.03 -11.36
N THR A 31 -9.81 10.98 -10.80
CA THR A 31 -8.69 11.74 -11.32
C THR A 31 -7.76 11.02 -12.30
N TYR A 32 -7.55 9.71 -12.12
CA TYR A 32 -6.64 8.98 -12.99
C TYR A 32 -7.22 7.88 -13.87
N LEU A 33 -8.45 7.47 -13.60
CA LEU A 33 -9.05 6.42 -14.41
C LEU A 33 -10.07 6.95 -15.40
N GLU A 34 -10.25 6.23 -16.50
CA GLU A 34 -11.21 6.63 -17.50
C GLU A 34 -12.44 5.74 -17.36
N ASN A 35 -13.61 6.36 -17.26
CA ASN A 35 -14.87 5.65 -17.13
C ASN A 35 -14.89 4.77 -15.88
N PRO A 36 -14.55 5.37 -14.73
CA PRO A 36 -14.54 4.59 -13.50
C PRO A 36 -15.97 4.26 -13.08
N LYS A 37 -16.21 3.00 -12.74
CA LYS A 37 -17.53 2.56 -12.31
C LYS A 37 -17.44 1.98 -10.90
N LEU A 38 -18.32 2.45 -10.01
CA LEU A 38 -18.35 1.96 -8.64
C LEU A 38 -18.87 0.52 -8.62
N VAL A 39 -17.97 -0.45 -8.40
CA VAL A 39 -18.39 -1.85 -8.39
C VAL A 39 -18.68 -2.41 -7.01
N ASN A 40 -18.30 -1.67 -5.97
CA ASN A 40 -18.52 -2.10 -4.61
C ASN A 40 -18.39 -0.96 -3.60
N ASN A 41 -19.43 -0.80 -2.77
CA ASN A 41 -19.39 0.25 -1.79
C ASN A 41 -19.85 -0.23 -0.42
N VAL A 42 -19.72 -1.53 -0.18
CA VAL A 42 -20.09 -2.07 1.12
C VAL A 42 -19.18 -1.39 2.13
N ARG A 43 -19.79 -0.79 3.16
CA ARG A 43 -19.07 -0.08 4.21
C ARG A 43 -18.40 1.16 3.65
N GLY A 44 -19.01 1.77 2.64
CA GLY A 44 -18.47 2.96 2.02
C GLY A 44 -17.01 2.80 1.63
N ILE A 45 -16.61 1.57 1.31
CA ILE A 45 -15.22 1.28 0.95
C ILE A 45 -14.76 1.91 -0.38
N GLN A 46 -15.70 2.41 -1.17
CA GLN A 46 -15.43 3.07 -2.45
C GLN A 46 -14.64 2.27 -3.50
N GLY A 47 -15.09 1.06 -3.81
CA GLY A 47 -14.39 0.23 -4.79
C GLY A 47 -14.75 0.54 -6.24
N TYR A 48 -13.78 1.02 -7.01
CA TYR A 48 -14.00 1.36 -8.41
C TYR A 48 -13.20 0.51 -9.39
N THR A 49 -13.66 0.50 -10.64
CA THR A 49 -13.00 -0.20 -11.74
C THR A 49 -13.17 0.66 -12.97
N GLY A 50 -12.03 1.06 -13.55
CA GLY A 50 -12.04 1.88 -14.75
C GLY A 50 -10.86 1.46 -15.58
N THR A 51 -10.28 2.37 -16.35
CA THR A 51 -9.12 2.01 -17.17
C THR A 51 -8.02 3.06 -17.16
N TYR A 52 -6.81 2.58 -17.35
CA TYR A 52 -5.63 3.43 -17.42
C TYR A 52 -4.84 2.96 -18.64
N LYS A 53 -4.72 3.83 -19.63
CA LYS A 53 -4.00 3.52 -20.86
C LYS A 53 -4.59 2.27 -21.51
N GLY A 54 -5.92 2.22 -21.54
CA GLY A 54 -6.64 1.11 -22.13
C GLY A 54 -6.77 -0.13 -21.28
N LYS A 55 -5.96 -0.25 -20.23
CA LYS A 55 -6.01 -1.43 -19.37
C LYS A 55 -6.94 -1.31 -18.17
N PRO A 56 -7.56 -2.43 -17.78
CA PRO A 56 -8.49 -2.47 -16.63
C PRO A 56 -7.72 -2.25 -15.34
N ILE A 57 -8.29 -1.45 -14.45
CA ILE A 57 -7.65 -1.16 -13.19
C ILE A 57 -8.71 -0.83 -12.14
N SER A 58 -8.50 -1.30 -10.91
CA SER A 58 -9.45 -1.06 -9.83
C SER A 58 -8.78 -0.37 -8.65
N VAL A 59 -9.52 0.53 -8.03
CA VAL A 59 -9.02 1.26 -6.86
C VAL A 59 -10.08 1.12 -5.77
N MET A 60 -9.64 0.78 -4.56
CA MET A 60 -10.54 0.58 -3.45
C MET A 60 -9.83 0.85 -2.12
N GLY A 61 -10.61 1.27 -1.12
CA GLY A 61 -10.05 1.52 0.19
C GLY A 61 -9.87 0.21 0.92
N HIS A 62 -9.08 0.20 1.99
CA HIS A 62 -8.85 -1.01 2.77
C HIS A 62 -8.80 -0.75 4.25
N GLY A 63 -9.42 0.34 4.69
CA GLY A 63 -9.42 0.67 6.10
C GLY A 63 -8.02 0.89 6.67
N MET A 64 -7.87 0.72 7.98
CA MET A 64 -6.57 0.91 8.63
C MET A 64 -6.23 -0.28 9.52
N GLY A 65 -5.00 -0.76 9.42
CA GLY A 65 -4.56 -1.88 10.22
C GLY A 65 -4.56 -3.20 9.47
N LEU A 66 -3.73 -4.14 9.91
CA LEU A 66 -3.63 -5.44 9.27
C LEU A 66 -4.93 -6.24 9.25
N PRO A 67 -5.66 -6.28 10.38
CA PRO A 67 -6.91 -7.04 10.37
C PRO A 67 -7.86 -6.63 9.25
N SER A 68 -7.85 -5.34 8.94
CA SER A 68 -8.72 -4.80 7.91
C SER A 68 -8.28 -5.21 6.51
N ILE A 69 -7.09 -4.76 6.11
CA ILE A 69 -6.59 -5.10 4.80
C ILE A 69 -6.52 -6.61 4.59
N CYS A 70 -6.41 -7.37 5.67
CA CYS A 70 -6.34 -8.83 5.56
C CYS A 70 -7.66 -9.38 5.01
N ILE A 71 -8.75 -8.77 5.43
CA ILE A 71 -10.07 -9.16 4.96
C ILE A 71 -10.21 -8.91 3.45
N TYR A 72 -9.92 -7.69 3.02
CA TYR A 72 -10.04 -7.31 1.62
C TYR A 72 -9.10 -8.05 0.68
N ALA A 73 -7.84 -8.13 1.05
CA ALA A 73 -6.83 -8.79 0.24
C ALA A 73 -7.17 -10.25 -0.04
N GLU A 74 -7.48 -11.00 1.01
CA GLU A 74 -7.84 -12.41 0.86
C GLU A 74 -9.13 -12.60 0.05
N GLU A 75 -10.12 -11.73 0.27
CA GLU A 75 -11.37 -11.82 -0.48
C GLU A 75 -11.12 -11.55 -1.97
N LEU A 76 -10.27 -10.57 -2.24
CA LEU A 76 -9.92 -10.18 -3.60
C LEU A 76 -9.13 -11.26 -4.33
N TYR A 77 -8.10 -11.79 -3.66
CA TYR A 77 -7.27 -12.83 -4.28
C TYR A 77 -8.05 -14.12 -4.46
N SER A 78 -8.84 -14.45 -3.45
CA SER A 78 -9.63 -15.68 -3.45
C SER A 78 -10.90 -15.66 -4.29
N THR A 79 -11.79 -14.72 -4.01
CA THR A 79 -13.05 -14.65 -4.74
C THR A 79 -13.06 -13.91 -6.07
N TYR A 80 -12.40 -12.76 -6.12
CA TYR A 80 -12.38 -11.97 -7.34
C TYR A 80 -11.21 -12.27 -8.28
N LYS A 81 -10.41 -13.26 -7.89
CA LYS A 81 -9.27 -13.69 -8.69
C LYS A 81 -8.30 -12.57 -9.06
N VAL A 82 -8.11 -11.62 -8.16
CA VAL A 82 -7.18 -10.52 -8.40
C VAL A 82 -5.77 -11.11 -8.37
N LYS A 83 -4.86 -10.52 -9.15
CA LYS A 83 -3.50 -11.03 -9.21
C LYS A 83 -2.49 -10.12 -8.51
N THR A 84 -2.74 -8.82 -8.55
CA THR A 84 -1.82 -7.87 -7.95
C THR A 84 -2.52 -6.80 -7.12
N ILE A 85 -2.02 -6.60 -5.91
CA ILE A 85 -2.56 -5.57 -5.04
C ILE A 85 -1.42 -4.66 -4.64
N ILE A 86 -1.47 -3.43 -5.12
CA ILE A 86 -0.44 -2.47 -4.76
C ILE A 86 -1.00 -1.48 -3.75
N ARG A 87 -0.47 -1.51 -2.54
CA ARG A 87 -0.91 -0.56 -1.52
C ARG A 87 -0.26 0.79 -1.82
N VAL A 88 -1.09 1.82 -1.89
CA VAL A 88 -0.62 3.18 -2.19
C VAL A 88 -1.14 4.14 -1.13
N GLY A 89 -0.26 4.90 -0.50
CA GLY A 89 -0.75 5.83 0.50
C GLY A 89 0.29 6.68 1.20
N THR A 90 0.00 7.02 2.45
CA THR A 90 0.90 7.84 3.25
C THR A 90 1.56 6.97 4.32
N CYS A 91 2.50 7.56 5.05
CA CYS A 91 3.19 6.83 6.09
C CYS A 91 4.02 7.81 6.92
N GLY A 92 4.56 7.33 8.04
CA GLY A 92 5.39 8.16 8.89
C GLY A 92 6.85 7.75 8.77
N ALA A 93 7.72 8.72 8.51
CA ALA A 93 9.15 8.42 8.38
C ALA A 93 9.76 8.06 9.73
N ILE A 94 10.81 7.25 9.68
CA ILE A 94 11.53 6.83 10.88
C ILE A 94 12.98 7.29 10.77
N ASP A 95 13.68 6.73 9.80
CA ASP A 95 15.07 7.04 9.55
C ASP A 95 15.30 8.53 9.39
N MET A 96 16.35 9.03 10.05
CA MET A 96 16.70 10.45 10.00
C MET A 96 16.99 10.96 8.60
N ASP A 97 17.46 10.06 7.73
CA ASP A 97 17.78 10.45 6.36
C ASP A 97 16.57 10.45 5.44
N ILE A 98 15.40 10.24 6.02
CA ILE A 98 14.14 10.24 5.27
C ILE A 98 13.41 11.52 5.65
N HIS A 99 12.97 12.27 4.65
CA HIS A 99 12.28 13.53 4.90
C HIS A 99 10.82 13.50 4.49
N THR A 100 10.04 14.40 5.06
CA THR A 100 8.62 14.48 4.75
C THR A 100 8.49 14.73 3.24
N ARG A 101 7.46 14.14 2.64
CA ARG A 101 7.20 14.29 1.21
C ARG A 101 8.04 13.37 0.35
N ASP A 102 8.81 12.50 1.01
CA ASP A 102 9.65 11.54 0.30
C ASP A 102 8.80 10.33 -0.09
N ILE A 103 9.12 9.73 -1.22
CA ILE A 103 8.40 8.55 -1.68
C ILE A 103 9.23 7.33 -1.29
N VAL A 104 8.57 6.33 -0.71
CA VAL A 104 9.25 5.13 -0.26
C VAL A 104 8.68 3.84 -0.82
N ILE A 105 9.55 2.99 -1.33
CA ILE A 105 9.13 1.72 -1.89
C ILE A 105 9.53 0.59 -0.94
N PHE A 106 8.52 -0.07 -0.36
CA PHE A 106 8.73 -1.15 0.59
C PHE A 106 9.28 -2.43 -0.03
N THR A 107 10.37 -2.94 0.53
CA THR A 107 10.95 -4.19 0.06
C THR A 107 10.25 -5.22 0.92
N SER A 108 9.89 -4.78 2.13
CA SER A 108 9.25 -5.63 3.11
C SER A 108 8.78 -4.78 4.26
N ALA A 109 8.07 -5.40 5.19
CA ALA A 109 7.56 -4.66 6.34
C ALA A 109 7.63 -5.47 7.62
N GLY A 110 8.12 -4.85 8.69
CA GLY A 110 8.18 -5.54 9.96
C GLY A 110 6.85 -5.24 10.63
N THR A 111 6.59 -5.82 11.80
CA THR A 111 5.33 -5.55 12.48
C THR A 111 5.34 -5.96 13.94
N ASN A 112 4.48 -5.34 14.73
CA ASN A 112 4.37 -5.66 16.14
C ASN A 112 3.09 -6.46 16.33
N SER A 113 2.52 -6.85 15.20
CA SER A 113 1.29 -7.64 15.17
C SER A 113 1.60 -9.12 15.45
N LYS A 114 0.56 -9.91 15.71
CA LYS A 114 0.73 -11.34 15.97
C LYS A 114 0.23 -12.20 14.83
N ILE A 115 -0.40 -11.58 13.83
CA ILE A 115 -0.97 -12.30 12.70
C ILE A 115 -0.03 -13.30 12.01
N ASN A 116 1.09 -12.82 11.48
CA ASN A 116 2.04 -13.68 10.78
C ASN A 116 2.57 -14.79 11.66
N ARG A 117 2.69 -14.53 12.96
CA ARG A 117 3.16 -15.55 13.88
C ARG A 117 2.06 -16.62 14.01
N ILE A 118 0.81 -16.19 13.86
CA ILE A 118 -0.31 -17.11 13.94
C ILE A 118 -0.35 -18.01 12.72
N ARG A 119 -0.12 -17.42 11.54
CA ARG A 119 -0.13 -18.22 10.32
C ARG A 119 1.18 -18.95 10.08
N PHE A 120 2.23 -18.59 10.81
CA PHE A 120 3.54 -19.23 10.60
C PHE A 120 4.13 -20.04 11.76
N MET A 121 3.28 -20.78 12.48
CA MET A 121 3.73 -21.61 13.60
C MET A 121 4.62 -20.86 14.60
N ASP A 122 4.22 -19.64 14.90
CA ASP A 122 4.93 -18.80 15.85
C ASP A 122 6.39 -18.50 15.53
N HIS A 123 6.76 -18.58 14.25
CA HIS A 123 8.14 -18.26 13.87
C HIS A 123 8.16 -16.90 13.17
N ASP A 124 9.32 -16.50 12.68
CA ASP A 124 9.49 -15.23 12.00
C ASP A 124 9.22 -15.31 10.52
N TYR A 125 8.07 -14.79 10.10
CA TYR A 125 7.72 -14.78 8.68
C TYR A 125 8.21 -13.44 8.13
N PRO A 126 8.96 -13.48 7.02
CA PRO A 126 9.43 -12.19 6.48
C PRO A 126 8.39 -11.59 5.53
N ALA A 127 7.57 -10.67 6.02
CA ALA A 127 6.56 -10.04 5.17
C ALA A 127 7.33 -9.31 4.07
N THR A 128 7.47 -9.98 2.93
CA THR A 128 8.21 -9.50 1.78
C THR A 128 7.31 -9.13 0.61
N ALA A 129 7.56 -7.95 0.03
CA ALA A 129 6.81 -7.51 -1.12
C ALA A 129 7.19 -8.40 -2.29
N SER A 130 6.21 -8.73 -3.14
CA SER A 130 6.47 -9.56 -4.31
C SER A 130 7.61 -8.93 -5.09
N PHE A 131 8.63 -9.73 -5.42
CA PHE A 131 9.77 -9.17 -6.14
C PHE A 131 9.40 -8.52 -7.48
N ASP A 132 8.40 -9.06 -8.18
CA ASP A 132 7.97 -8.48 -9.44
C ASP A 132 7.45 -7.08 -9.23
N VAL A 133 6.66 -6.91 -8.18
CA VAL A 133 6.05 -5.63 -7.84
C VAL A 133 7.10 -4.61 -7.41
N VAL A 134 8.09 -5.05 -6.65
CA VAL A 134 9.14 -4.14 -6.21
C VAL A 134 9.88 -3.64 -7.44
N CYS A 135 10.24 -4.56 -8.33
CA CYS A 135 10.94 -4.18 -9.55
C CYS A 135 10.13 -3.27 -10.46
N ALA A 136 8.83 -3.52 -10.53
CA ALA A 136 7.94 -2.71 -11.36
C ALA A 136 7.85 -1.30 -10.80
N LEU A 137 7.83 -1.19 -9.47
CA LEU A 137 7.73 0.11 -8.83
C LEU A 137 9.04 0.88 -8.99
N VAL A 138 10.16 0.18 -8.81
CA VAL A 138 11.45 0.82 -8.96
C VAL A 138 11.74 1.19 -10.43
N ASP A 139 11.36 0.34 -11.38
CA ASP A 139 11.60 0.67 -12.78
C ASP A 139 10.78 1.90 -13.14
N ALA A 140 9.53 1.93 -12.69
CA ALA A 140 8.66 3.07 -12.96
C ALA A 140 9.33 4.32 -12.40
N ALA A 141 9.82 4.22 -11.16
CA ALA A 141 10.50 5.35 -10.53
C ALA A 141 11.68 5.82 -11.38
N LYS A 142 12.52 4.88 -11.80
CA LYS A 142 13.67 5.19 -12.64
C LYS A 142 13.28 5.80 -13.97
N GLU A 143 12.33 5.16 -14.67
CA GLU A 143 11.88 5.66 -15.96
C GLU A 143 11.25 7.04 -15.89
N LEU A 144 10.49 7.29 -14.84
CA LEU A 144 9.85 8.59 -14.65
C LEU A 144 10.88 9.52 -14.05
N ASN A 145 12.00 8.95 -13.59
CA ASN A 145 13.09 9.70 -12.97
C ASN A 145 12.60 10.44 -11.74
N ILE A 146 11.87 9.73 -10.89
CA ILE A 146 11.34 10.29 -9.67
C ILE A 146 12.11 9.65 -8.53
N PRO A 147 12.87 10.45 -7.77
CA PRO A 147 13.65 9.93 -6.64
C PRO A 147 12.77 9.15 -5.67
N ALA A 148 13.16 7.92 -5.36
CA ALA A 148 12.42 7.10 -4.43
C ALA A 148 13.38 6.31 -3.56
N LYS A 149 13.02 6.11 -2.30
CA LYS A 149 13.85 5.34 -1.40
C LYS A 149 13.28 3.94 -1.25
N VAL A 150 14.13 2.93 -1.40
CA VAL A 150 13.70 1.54 -1.29
C VAL A 150 14.26 0.90 -0.04
N GLY A 151 13.40 0.24 0.72
CA GLY A 151 13.84 -0.40 1.94
C GLY A 151 12.70 -0.91 2.81
N LYS A 152 13.05 -1.33 4.02
CA LYS A 152 12.07 -1.87 4.96
C LYS A 152 11.07 -0.85 5.47
N GLY A 153 9.84 -1.32 5.67
CA GLY A 153 8.79 -0.49 6.21
C GLY A 153 8.35 -1.18 7.48
N PHE A 154 7.45 -0.57 8.23
CA PHE A 154 6.98 -1.20 9.44
C PHE A 154 5.50 -0.96 9.59
N SER A 155 4.75 -2.05 9.72
CA SER A 155 3.30 -2.00 9.87
C SER A 155 2.97 -2.13 11.35
N THR A 156 2.54 -1.04 11.96
CA THR A 156 2.23 -1.04 13.38
C THR A 156 0.74 -1.24 13.66
N ASP A 157 0.45 -1.83 14.81
CA ASP A 157 -0.91 -2.05 15.24
C ASP A 157 -1.30 -0.87 16.11
N LEU A 158 -0.28 -0.18 16.63
CA LEU A 158 -0.45 0.98 17.51
C LEU A 158 0.03 2.30 16.91
N PHE A 159 -0.87 3.04 16.27
CA PHE A 159 -0.53 4.34 15.69
C PHE A 159 0.07 5.13 16.86
N TYR A 160 -0.64 5.12 17.98
CA TYR A 160 -0.15 5.78 19.19
C TYR A 160 0.56 4.65 19.91
N ASN A 161 1.88 4.61 19.74
CA ASN A 161 2.70 3.57 20.31
C ASN A 161 3.30 3.84 21.70
N PRO A 162 2.92 3.04 22.70
CA PRO A 162 3.38 3.15 24.09
C PRO A 162 4.89 2.93 24.18
N GLN A 163 5.40 2.02 23.34
CA GLN A 163 6.82 1.69 23.31
C GLN A 163 7.56 2.76 22.52
N THR A 164 7.74 3.92 23.14
CA THR A 164 8.41 5.04 22.49
C THR A 164 9.86 4.79 22.09
N GLU A 165 10.49 3.79 22.69
CA GLU A 165 11.86 3.47 22.35
C GLU A 165 11.97 2.75 21.01
N LEU A 166 10.88 2.14 20.58
CA LEU A 166 10.87 1.41 19.33
C LEU A 166 11.31 2.26 18.14
N ALA A 167 10.87 3.51 18.12
CA ALA A 167 11.21 4.44 17.05
C ALA A 167 12.72 4.54 16.86
N GLN A 168 13.45 4.81 17.93
CA GLN A 168 14.91 4.93 17.79
C GLN A 168 15.52 3.59 17.39
N LEU A 169 14.95 2.49 17.88
CA LEU A 169 15.48 1.18 17.53
C LEU A 169 15.36 0.98 16.02
N MET A 170 14.24 1.40 15.47
CA MET A 170 13.98 1.27 14.04
C MET A 170 14.87 2.17 13.22
N ASN A 171 15.21 3.32 13.79
CA ASN A 171 16.07 4.26 13.09
C ASN A 171 17.47 3.66 13.03
N LYS A 172 17.84 2.94 14.09
CA LYS A 172 19.16 2.30 14.12
C LYS A 172 19.25 1.19 13.08
N PHE A 173 18.14 0.50 12.84
CA PHE A 173 18.14 -0.58 11.87
C PHE A 173 17.69 -0.08 10.51
N HIS A 174 17.55 1.23 10.43
CA HIS A 174 17.19 1.90 9.20
C HIS A 174 15.86 1.54 8.56
N PHE A 175 14.80 1.42 9.36
CA PHE A 175 13.49 1.16 8.79
C PHE A 175 13.12 2.50 8.18
N LEU A 176 12.67 2.47 6.93
CA LEU A 176 12.34 3.70 6.24
C LEU A 176 11.09 4.41 6.74
N ALA A 177 9.96 3.72 6.75
CA ALA A 177 8.73 4.34 7.18
C ALA A 177 7.80 3.41 7.95
N VAL A 178 6.70 3.98 8.44
CA VAL A 178 5.70 3.25 9.19
C VAL A 178 4.30 3.45 8.64
N GLU A 179 3.58 2.35 8.46
CA GLU A 179 2.21 2.41 7.99
C GLU A 179 1.47 1.33 8.76
N MET A 180 0.34 0.84 8.25
CA MET A 180 -0.42 -0.15 9.01
C MET A 180 -1.05 -1.29 8.24
N GLU A 181 -0.48 -1.68 7.09
CA GLU A 181 -1.10 -2.75 6.33
C GLU A 181 -0.18 -3.75 5.64
N SER A 182 0.93 -3.25 5.09
CA SER A 182 1.88 -4.10 4.35
C SER A 182 2.22 -5.48 4.93
N ALA A 183 2.61 -5.54 6.20
CA ALA A 183 2.96 -6.82 6.82
C ALA A 183 1.84 -7.87 6.77
N GLY A 184 0.59 -7.39 6.68
CA GLY A 184 -0.53 -8.30 6.60
C GLY A 184 -0.77 -8.72 5.15
N LEU A 185 -0.68 -7.75 4.25
CA LEU A 185 -0.89 -7.94 2.81
C LEU A 185 0.08 -8.94 2.16
N PHE A 186 1.37 -8.67 2.32
CA PHE A 186 2.40 -9.49 1.69
C PHE A 186 2.28 -11.00 1.88
N PRO A 187 2.11 -11.47 3.13
CA PRO A 187 2.00 -12.92 3.30
C PRO A 187 0.72 -13.54 2.69
N ILE A 188 -0.38 -12.78 2.66
CA ILE A 188 -1.61 -13.28 2.07
C ILE A 188 -1.45 -13.45 0.55
N ALA A 189 -0.62 -12.59 -0.06
CA ALA A 189 -0.37 -12.69 -1.50
C ALA A 189 0.39 -13.98 -1.77
N ASP A 190 1.38 -14.27 -0.92
CA ASP A 190 2.19 -15.47 -1.05
C ASP A 190 1.29 -16.70 -0.98
N LEU A 191 0.40 -16.72 0.00
CA LEU A 191 -0.53 -17.83 0.20
C LEU A 191 -1.36 -18.14 -1.05
N TYR A 192 -1.82 -17.10 -1.73
CA TYR A 192 -2.62 -17.26 -2.93
C TYR A 192 -1.82 -17.33 -4.22
N GLY A 193 -0.50 -17.41 -4.10
CA GLY A 193 0.34 -17.46 -5.27
C GLY A 193 0.19 -16.21 -6.10
N ALA A 194 -0.26 -15.13 -5.46
CA ALA A 194 -0.46 -13.86 -6.14
C ALA A 194 0.65 -12.87 -5.75
N ARG A 195 0.47 -11.60 -6.11
CA ARG A 195 1.46 -10.57 -5.83
C ARG A 195 0.98 -9.33 -5.10
N ALA A 196 1.86 -8.76 -4.30
CA ALA A 196 1.56 -7.57 -3.53
C ALA A 196 2.77 -6.65 -3.42
N GLY A 197 2.51 -5.35 -3.29
CA GLY A 197 3.57 -4.37 -3.16
C GLY A 197 3.03 -3.13 -2.47
N CYS A 198 3.92 -2.23 -2.06
CA CYS A 198 3.51 -1.02 -1.38
C CYS A 198 4.42 0.18 -1.67
N ILE A 199 3.81 1.32 -1.95
CA ILE A 199 4.54 2.55 -2.20
C ILE A 199 3.82 3.67 -1.43
N CYS A 200 4.58 4.45 -0.67
CA CYS A 200 4.00 5.52 0.13
C CYS A 200 4.75 6.83 0.06
N THR A 201 4.03 7.91 0.30
CA THR A 201 4.64 9.23 0.34
C THR A 201 4.63 9.58 1.83
N VAL A 202 5.77 9.98 2.36
CA VAL A 202 5.85 10.32 3.78
C VAL A 202 5.13 11.63 4.08
N SER A 203 4.05 11.55 4.84
CA SER A 203 3.27 12.73 5.18
C SER A 203 3.71 13.40 6.48
N ASP A 204 4.59 12.73 7.23
CA ASP A 204 5.07 13.30 8.48
C ASP A 204 6.24 12.49 9.04
N HIS A 205 7.07 13.12 9.87
CA HIS A 205 8.22 12.44 10.46
C HIS A 205 7.95 12.24 11.95
N ILE A 206 8.28 11.04 12.45
CA ILE A 206 8.02 10.73 13.85
C ILE A 206 9.16 11.08 14.81
N LEU A 207 10.34 11.41 14.28
CA LEU A 207 11.44 11.76 15.17
C LEU A 207 11.78 13.25 15.27
N HIS A 208 11.13 14.08 14.45
CA HIS A 208 11.36 15.53 14.51
C HIS A 208 10.42 16.33 13.61
N HIS A 209 10.34 17.63 13.87
CA HIS A 209 9.47 18.54 13.12
C HIS A 209 9.99 18.77 11.69
N GLU A 210 9.10 18.61 10.71
CA GLU A 210 9.48 18.79 9.31
C GLU A 210 8.80 19.98 8.62
N GLU A 211 9.33 20.32 7.45
CA GLU A 211 8.84 21.43 6.62
C GLU A 211 7.92 20.85 5.54
N THR A 212 6.65 21.25 5.56
CA THR A 212 5.70 20.74 4.57
C THR A 212 5.01 21.83 3.76
N THR A 213 5.60 22.20 2.63
CA THR A 213 4.97 23.22 1.78
C THR A 213 3.74 22.66 1.06
N ALA A 214 2.68 23.48 1.02
CA ALA A 214 1.42 23.12 0.39
C ALA A 214 1.53 22.36 -0.94
N GLU A 215 2.17 22.96 -1.94
CA GLU A 215 2.28 22.30 -3.23
C GLU A 215 3.33 21.18 -3.31
N GLU A 216 4.12 21.00 -2.26
CA GLU A 216 5.12 19.95 -2.27
C GLU A 216 4.49 18.63 -1.84
N ARG A 217 3.48 18.71 -0.98
CA ARG A 217 2.83 17.51 -0.50
C ARG A 217 1.97 16.86 -1.58
N GLN A 218 1.38 17.69 -2.45
CA GLN A 218 0.55 17.18 -3.53
C GLN A 218 1.41 16.59 -4.64
N ASN A 219 2.47 17.31 -5.01
CA ASN A 219 3.38 16.83 -6.05
C ASN A 219 3.85 15.44 -5.69
N SER A 220 4.28 15.30 -4.44
CA SER A 220 4.78 14.05 -3.92
C SER A 220 3.71 12.97 -4.09
N PHE A 221 2.47 13.30 -3.77
CA PHE A 221 1.38 12.36 -3.90
C PHE A 221 1.13 11.97 -5.36
N GLN A 222 1.10 12.95 -6.23
CA GLN A 222 0.87 12.69 -7.65
C GLN A 222 2.01 11.85 -8.22
N ASN A 223 3.23 12.15 -7.78
CA ASN A 223 4.39 11.39 -8.24
C ASN A 223 4.27 9.93 -7.83
N MET A 224 3.91 9.68 -6.57
CA MET A 224 3.75 8.32 -6.09
C MET A 224 2.69 7.61 -6.92
N MET A 225 1.61 8.32 -7.22
CA MET A 225 0.52 7.76 -8.03
C MET A 225 0.96 7.40 -9.44
N LYS A 226 1.80 8.23 -10.07
CA LYS A 226 2.28 7.94 -11.41
C LYS A 226 3.06 6.64 -11.38
N ILE A 227 3.98 6.54 -10.43
CA ILE A 227 4.79 5.34 -10.29
C ILE A 227 3.92 4.11 -10.10
N ALA A 228 2.95 4.19 -9.21
CA ALA A 228 2.06 3.07 -8.94
C ALA A 228 1.28 2.67 -10.20
N LEU A 229 0.76 3.67 -10.91
CA LEU A 229 0.00 3.41 -12.13
C LEU A 229 0.86 2.80 -13.25
N GLU A 230 2.01 3.41 -13.53
CA GLU A 230 2.87 2.88 -14.58
C GLU A 230 3.32 1.46 -14.26
N ALA A 231 3.69 1.22 -13.01
CA ALA A 231 4.13 -0.10 -12.60
C ALA A 231 3.01 -1.12 -12.84
N ALA A 232 1.77 -0.72 -12.53
CA ALA A 232 0.61 -1.58 -12.74
C ALA A 232 0.54 -2.03 -14.19
N ILE A 233 0.78 -1.10 -15.12
CA ILE A 233 0.77 -1.42 -16.53
C ILE A 233 1.88 -2.43 -16.83
N LYS A 234 3.08 -2.19 -16.30
CA LYS A 234 4.20 -3.09 -16.50
C LYS A 234 3.91 -4.50 -15.99
N LEU A 235 3.06 -4.59 -14.98
CA LEU A 235 2.72 -5.88 -14.39
C LEU A 235 1.58 -6.60 -15.13
#